data_7P0S
#
_entry.id   7P0S
#
_cell.length_a   49.033
_cell.length_b   69.564
_cell.length_c   92.117
_cell.angle_alpha   90.000
_cell.angle_beta   90.000
_cell.angle_gamma   90.000
#
_symmetry.space_group_name_H-M   'P 21 21 21'
#
loop_
_entity.id
_entity.type
_entity.pdbx_description
1 polymer 'Apoptosis inhibitor'
2 polymer 'Bcl-2-binding component 3, isoforms 1/2'
3 water water
#
loop_
_entity_poly.entity_id
_entity_poly.type
_entity_poly.pdbx_seq_one_letter_code
_entity_poly.pdbx_strand_id
1 'polypeptide(L)'
;GPLGSMANRDDIDASAVMAAYLAREYAEAVEEQLTPRERDALEALRVSGEEVRSPLLQELSNAGEHRANPENSHIPAALV
SALLEAPTSPGRMVTAVELCAQMGRLWTRGRQLVDFMRLVYVLLDRLPPTADEDLGAWLQAVARVHGT
;
A,B
2 'polypeptide(L)' EEQWAREIGAQLRRMADDLNAQYERR U,C
#
# COMPACT_ATOMS: atom_id res chain seq x y z
N ASP A 10 -1.51 -18.11 20.67
CA ASP A 10 -1.76 -18.54 19.30
C ASP A 10 -0.76 -17.91 18.34
N ASP A 11 -0.86 -18.29 17.07
CA ASP A 11 0.03 -17.77 16.04
C ASP A 11 -0.65 -16.63 15.28
N ILE A 12 0.16 -15.88 14.54
CA ILE A 12 -0.30 -14.72 13.79
C ILE A 12 -0.03 -14.96 12.32
N ASP A 13 -0.66 -14.14 11.47
CA ASP A 13 -0.36 -14.14 10.04
C ASP A 13 0.76 -13.14 9.81
N ALA A 14 1.99 -13.64 9.68
CA ALA A 14 3.14 -12.77 9.50
C ALA A 14 2.95 -11.87 8.28
N SER A 15 2.54 -12.45 7.16
CA SER A 15 2.37 -11.66 5.94
C SER A 15 1.34 -10.56 6.13
N ALA A 16 0.27 -10.84 6.89
CA ALA A 16 -0.75 -9.83 7.13
C ALA A 16 -0.20 -8.66 7.93
N VAL A 17 0.60 -8.95 8.96
CA VAL A 17 1.15 -7.88 9.79
C VAL A 17 2.15 -7.05 9.00
N MET A 18 3.13 -7.72 8.37
CA MET A 18 4.10 -6.99 7.55
C MET A 18 3.41 -6.07 6.56
N ALA A 19 2.35 -6.56 5.92
CA ALA A 19 1.60 -5.74 4.97
C ALA A 19 1.15 -4.43 5.62
N ALA A 20 0.60 -4.52 6.83
CA ALA A 20 0.15 -3.32 7.52
C ALA A 20 1.30 -2.35 7.75
N TYR A 21 2.42 -2.86 8.26
CA TYR A 21 3.56 -1.99 8.55
C TYR A 21 4.03 -1.26 7.30
N LEU A 22 4.24 -1.99 6.21
CA LEU A 22 4.81 -1.39 5.00
C LEU A 22 3.85 -0.40 4.37
N ALA A 23 2.58 -0.80 4.21
CA ALA A 23 1.59 0.10 3.61
C ALA A 23 1.50 1.40 4.38
N ARG A 24 1.51 1.33 5.71
CA ARG A 24 1.46 2.56 6.52
C ARG A 24 2.75 3.35 6.39
N GLU A 25 3.90 2.67 6.42
CA GLU A 25 5.17 3.36 6.25
C GLU A 25 5.28 3.98 4.86
N TYR A 26 4.79 3.28 3.83
CA TYR A 26 4.79 3.84 2.49
C TYR A 26 3.79 4.99 2.37
N ALA A 27 2.63 4.86 3.02
CA ALA A 27 1.67 5.95 3.02
C ALA A 27 2.28 7.22 3.58
N GLU A 28 3.02 7.12 4.69
CA GLU A 28 3.69 8.28 5.26
C GLU A 28 4.80 8.79 4.34
N ALA A 29 5.38 7.89 3.54
CA ALA A 29 6.48 8.30 2.65
C ALA A 29 6.00 9.30 1.62
N VAL A 30 4.99 8.93 0.83
CA VAL A 30 4.53 9.79 -0.26
C VAL A 30 3.99 11.11 0.29
N GLU A 31 3.15 11.03 1.32
CA GLU A 31 2.52 12.23 1.86
C GLU A 31 3.57 13.26 2.29
N GLU A 32 4.66 12.79 2.90
CA GLU A 32 5.77 13.68 3.24
C GLU A 32 6.30 14.38 1.99
N GLN A 33 6.60 13.61 0.95
CA GLN A 33 7.17 14.15 -0.28
C GLN A 33 6.13 14.83 -1.16
N LEU A 34 4.87 14.89 -0.74
CA LEU A 34 3.86 15.62 -1.50
C LEU A 34 4.02 17.12 -1.31
N THR A 35 3.93 17.85 -2.41
CA THR A 35 3.96 19.30 -2.35
C THR A 35 2.70 19.81 -1.66
N PRO A 36 2.70 21.06 -1.21
CA PRO A 36 1.50 21.60 -0.54
C PRO A 36 0.24 21.48 -1.39
N ARG A 37 0.29 21.97 -2.62
CA ARG A 37 -0.88 21.88 -3.50
C ARG A 37 -1.27 20.43 -3.75
N GLU A 38 -0.29 19.53 -3.80
CA GLU A 38 -0.60 18.10 -3.89
C GLU A 38 -1.30 17.62 -2.63
N ARG A 39 -0.97 18.19 -1.47
CA ARG A 39 -1.58 17.76 -0.23
C ARG A 39 -3.00 18.30 -0.08
N ASP A 40 -3.29 19.48 -0.64
CA ASP A 40 -4.67 19.93 -0.72
C ASP A 40 -5.49 19.03 -1.63
N ALA A 41 -4.91 18.64 -2.78
CA ALA A 41 -5.58 17.71 -3.67
C ALA A 41 -5.91 16.40 -2.95
N LEU A 42 -4.96 15.90 -2.15
CA LEU A 42 -5.19 14.65 -1.44
C LEU A 42 -6.36 14.78 -0.48
N GLU A 43 -6.43 15.88 0.27
CA GLU A 43 -7.55 16.08 1.17
C GLU A 43 -8.87 16.25 0.43
N ALA A 44 -8.83 16.66 -0.85
CA ALA A 44 -10.05 16.76 -1.63
C ALA A 44 -10.43 15.42 -2.24
N LEU A 45 -9.46 14.58 -2.56
CA LEU A 45 -9.76 13.22 -3.02
C LEU A 45 -10.38 12.40 -1.90
N ARG A 46 -9.83 12.50 -0.69
CA ARG A 46 -10.39 11.78 0.45
C ARG A 46 -11.85 12.15 0.68
N VAL A 47 -12.21 13.41 0.44
CA VAL A 47 -13.57 13.87 0.68
C VAL A 47 -14.51 13.32 -0.40
N SER A 48 -14.19 13.59 -1.67
CA SER A 48 -15.04 13.13 -2.74
C SER A 48 -15.02 11.61 -2.86
N GLY A 49 -13.89 10.98 -2.51
CA GLY A 49 -13.86 9.52 -2.46
C GLY A 49 -14.84 8.97 -1.44
N GLU A 50 -14.94 9.63 -0.29
CA GLU A 50 -15.90 9.20 0.73
C GLU A 50 -17.33 9.47 0.30
N GLU A 51 -17.57 10.53 -0.47
CA GLU A 51 -18.93 10.87 -0.87
C GLU A 51 -19.48 9.83 -1.85
N VAL A 52 -18.68 9.46 -2.86
CA VAL A 52 -19.14 8.46 -3.82
C VAL A 52 -19.09 7.07 -3.21
N ARG A 53 -18.38 6.90 -2.09
CA ARG A 53 -18.24 5.57 -1.49
C ARG A 53 -19.60 4.97 -1.15
N SER A 54 -20.52 5.79 -0.63
CA SER A 54 -21.84 5.27 -0.23
C SER A 54 -22.58 4.67 -1.42
N PRO A 55 -22.89 5.42 -2.48
CA PRO A 55 -23.56 4.78 -3.63
C PRO A 55 -22.76 3.66 -4.25
N LEU A 56 -21.42 3.76 -4.22
CA LEU A 56 -20.57 2.72 -4.77
C LEU A 56 -20.77 1.41 -4.02
N LEU A 57 -20.67 1.44 -2.70
CA LEU A 57 -20.87 0.24 -1.90
C LEU A 57 -22.31 -0.24 -1.91
N GLN A 58 -23.25 0.57 -2.41
CA GLN A 58 -24.63 0.11 -2.54
C GLN A 58 -24.82 -0.75 -3.78
N GLU A 59 -24.24 -0.34 -4.91
CA GLU A 59 -24.38 -1.11 -6.14
C GLU A 59 -23.61 -2.42 -6.08
N LEU A 60 -22.42 -2.40 -5.47
CA LEU A 60 -21.65 -3.63 -5.34
C LEU A 60 -22.39 -4.65 -4.49
N SER A 61 -22.90 -4.23 -3.33
CA SER A 61 -23.62 -5.15 -2.45
C SER A 61 -24.94 -5.59 -3.08
N ASN A 62 -25.66 -4.67 -3.71
CA ASN A 62 -26.88 -5.04 -4.41
C ASN A 62 -26.62 -6.05 -5.52
N ALA A 63 -25.38 -6.18 -5.97
CA ALA A 63 -25.03 -7.18 -6.97
C ALA A 63 -24.77 -8.55 -6.33
N GLY A 64 -24.36 -8.58 -5.08
CA GLY A 64 -24.15 -9.83 -4.37
C GLY A 64 -22.87 -9.89 -3.57
N GLU A 65 -22.74 -10.92 -2.73
CA GLU A 65 -21.52 -11.10 -1.96
C GLU A 65 -20.37 -11.58 -2.83
N HIS A 66 -20.64 -12.38 -3.84
CA HIS A 66 -19.59 -12.77 -4.78
C HIS A 66 -19.07 -11.57 -5.56
N ARG A 67 -19.91 -10.54 -5.73
CA ARG A 67 -19.49 -9.32 -6.41
C ARG A 67 -18.91 -8.29 -5.43
N ALA A 68 -19.49 -8.18 -4.24
CA ALA A 68 -18.92 -7.29 -3.24
C ALA A 68 -17.57 -7.81 -2.74
N ASN A 69 -17.34 -9.13 -2.84
CA ASN A 69 -16.07 -9.74 -2.44
C ASN A 69 -15.71 -10.79 -3.48
N PRO A 70 -15.18 -10.37 -4.62
CA PRO A 70 -14.80 -11.32 -5.66
C PRO A 70 -13.52 -12.05 -5.32
N GLU A 71 -13.47 -13.31 -5.74
CA GLU A 71 -12.28 -14.14 -5.53
C GLU A 71 -11.20 -13.85 -6.55
N ASN A 72 -11.40 -12.88 -7.44
CA ASN A 72 -10.51 -12.64 -8.56
C ASN A 72 -10.34 -11.13 -8.75
N SER A 73 -9.59 -10.76 -9.79
CA SER A 73 -9.36 -9.37 -10.13
C SER A 73 -9.91 -9.01 -11.51
N HIS A 74 -10.48 -9.97 -12.24
CA HIS A 74 -10.99 -9.68 -13.58
C HIS A 74 -12.14 -8.68 -13.53
N ILE A 75 -13.00 -8.79 -12.53
CA ILE A 75 -14.24 -8.01 -12.47
C ILE A 75 -13.91 -6.57 -12.10
N PRO A 76 -13.23 -6.32 -10.97
CA PRO A 76 -12.94 -4.91 -10.61
C PRO A 76 -12.05 -4.21 -11.61
N ALA A 77 -11.09 -4.91 -12.21
CA ALA A 77 -10.22 -4.28 -13.20
C ALA A 77 -10.96 -3.96 -14.49
N ALA A 78 -12.06 -4.66 -14.78
CA ALA A 78 -12.86 -4.32 -15.94
C ALA A 78 -13.65 -3.04 -15.71
N LEU A 79 -14.20 -2.87 -14.50
CA LEU A 79 -14.93 -1.65 -14.19
C LEU A 79 -14.00 -0.44 -14.20
N VAL A 80 -12.80 -0.58 -13.60
CA VAL A 80 -11.85 0.52 -13.57
C VAL A 80 -11.49 0.95 -14.99
N SER A 81 -11.13 -0.01 -15.84
CA SER A 81 -10.71 0.33 -17.19
C SER A 81 -11.83 0.98 -17.99
N ALA A 82 -13.08 0.61 -17.71
CA ALA A 82 -14.22 1.19 -18.41
C ALA A 82 -14.54 2.59 -17.92
N LEU A 83 -14.33 2.86 -16.63
CA LEU A 83 -14.51 4.21 -16.12
C LEU A 83 -13.50 5.17 -16.73
N LEU A 84 -12.26 4.72 -16.94
CA LEU A 84 -11.19 5.56 -17.45
C LEU A 84 -11.11 5.55 -18.97
N GLU A 85 -12.01 4.86 -19.67
CA GLU A 85 -11.99 4.82 -21.12
C GLU A 85 -12.20 6.21 -21.69
N PRO A 87 -12.97 8.74 -23.22
CA PRO A 87 -13.28 10.06 -22.69
C PRO A 87 -13.72 10.02 -21.22
N THR A 88 -12.78 10.31 -20.32
CA THR A 88 -13.03 10.28 -18.89
C THR A 88 -13.20 11.70 -18.34
N SER A 89 -13.77 11.79 -17.15
CA SER A 89 -13.91 13.02 -16.40
C SER A 89 -13.40 12.80 -14.99
N PRO A 90 -13.11 13.88 -14.26
CA PRO A 90 -12.65 13.72 -12.86
C PRO A 90 -13.56 12.85 -12.03
N GLY A 91 -14.87 12.92 -12.25
CA GLY A 91 -15.79 12.10 -11.47
C GLY A 91 -15.57 10.62 -11.66
N ARG A 92 -15.35 10.19 -12.91
CA ARG A 92 -15.08 8.78 -13.17
C ARG A 92 -13.76 8.35 -12.56
N MET A 93 -12.73 9.21 -12.65
CA MET A 93 -11.44 8.85 -12.08
C MET A 93 -11.54 8.62 -10.58
N VAL A 94 -12.25 9.50 -9.87
CA VAL A 94 -12.39 9.35 -8.42
C VAL A 94 -13.15 8.07 -8.10
N THR A 95 -14.29 7.86 -8.76
CA THR A 95 -15.04 6.61 -8.57
C THR A 95 -14.12 5.42 -8.76
N ALA A 96 -13.29 5.44 -9.80
CA ALA A 96 -12.37 4.33 -10.04
C ALA A 96 -11.35 4.20 -8.92
N VAL A 97 -10.80 5.32 -8.46
CA VAL A 97 -9.87 5.29 -7.34
C VAL A 97 -10.52 4.64 -6.13
N GLU A 98 -11.75 5.06 -5.81
CA GLU A 98 -12.40 4.54 -4.61
C GLU A 98 -12.74 3.07 -4.76
N LEU A 99 -13.11 2.64 -5.97
CA LEU A 99 -13.34 1.22 -6.20
C LEU A 99 -12.10 0.40 -5.89
N CYS A 100 -10.94 0.85 -6.39
CA CYS A 100 -9.70 0.17 -6.08
C CYS A 100 -9.48 0.09 -4.58
N ALA A 101 -9.74 1.19 -3.86
CA ALA A 101 -9.55 1.19 -2.42
C ALA A 101 -10.49 0.19 -1.75
N GLN A 102 -11.75 0.14 -2.17
CA GLN A 102 -12.69 -0.80 -1.57
C GLN A 102 -12.27 -2.24 -1.81
N MET A 103 -11.83 -2.56 -3.03
CA MET A 103 -11.30 -3.89 -3.28
C MET A 103 -10.10 -4.18 -2.39
N GLY A 104 -9.28 -3.15 -2.12
CA GLY A 104 -8.18 -3.34 -1.20
C GLY A 104 -8.64 -3.64 0.21
N ARG A 105 -9.66 -2.90 0.68
CA ARG A 105 -10.19 -3.17 2.01
C ARG A 105 -10.66 -4.61 2.14
N LEU A 106 -10.97 -5.27 1.02
CA LEU A 106 -11.40 -6.66 1.04
C LEU A 106 -10.23 -7.63 0.86
N TRP A 107 -9.18 -7.20 0.16
CA TRP A 107 -8.06 -8.07 -0.19
C TRP A 107 -6.89 -7.85 0.77
N THR A 108 -7.06 -8.33 2.00
CA THR A 108 -6.19 -7.94 3.10
C THR A 108 -5.22 -9.02 3.58
N ARG A 109 -5.33 -10.26 3.11
CA ARG A 109 -4.47 -11.32 3.63
C ARG A 109 -3.96 -12.22 2.52
N GLY A 110 -2.67 -12.51 2.53
CA GLY A 110 -2.11 -13.56 1.69
C GLY A 110 -2.09 -13.17 0.23
N ARG A 111 -2.52 -14.09 -0.63
CA ARG A 111 -2.52 -13.85 -2.07
C ARG A 111 -3.58 -12.86 -2.51
N GLN A 112 -4.37 -12.33 -1.58
CA GLN A 112 -5.23 -11.20 -1.93
C GLN A 112 -4.42 -9.93 -2.11
N LEU A 113 -3.25 -9.85 -1.47
CA LEU A 113 -2.38 -8.69 -1.62
C LEU A 113 -1.91 -8.55 -3.07
N VAL A 114 -1.59 -9.65 -3.73
CA VAL A 114 -1.11 -9.56 -5.11
C VAL A 114 -2.24 -9.19 -6.05
N ASP A 115 -3.46 -9.68 -5.78
CA ASP A 115 -4.61 -9.23 -6.56
C ASP A 115 -4.77 -7.73 -6.46
N PHE A 116 -4.50 -7.16 -5.29
CA PHE A 116 -4.55 -5.70 -5.13
C PHE A 116 -3.50 -5.03 -6.00
N MET A 117 -2.31 -5.64 -6.11
CA MET A 117 -1.25 -5.07 -6.94
C MET A 117 -1.71 -4.91 -8.38
N ARG A 118 -2.45 -5.90 -8.89
CA ARG A 118 -2.86 -5.85 -10.28
C ARG A 118 -3.83 -4.70 -10.53
N LEU A 119 -4.74 -4.46 -9.58
CA LEU A 119 -5.79 -3.48 -9.80
C LEU A 119 -5.25 -2.05 -9.71
N VAL A 120 -4.25 -1.80 -8.86
CA VAL A 120 -3.59 -0.50 -8.85
C VAL A 120 -2.93 -0.23 -10.18
N TYR A 121 -2.24 -1.24 -10.73
CA TYR A 121 -1.54 -1.05 -12.00
C TYR A 121 -2.51 -0.65 -13.10
N VAL A 122 -3.70 -1.26 -13.13
CA VAL A 122 -4.68 -0.89 -14.15
C VAL A 122 -5.08 0.57 -14.00
N LEU A 123 -5.30 1.03 -12.77
CA LEU A 123 -5.67 2.41 -12.55
C LEU A 123 -4.61 3.35 -13.10
N LEU A 124 -3.37 3.21 -12.63
CA LEU A 124 -2.32 4.17 -13.00
C LEU A 124 -1.97 4.10 -14.47
N ASP A 125 -2.07 2.92 -15.08
CA ASP A 125 -1.69 2.79 -16.48
C ASP A 125 -2.79 3.27 -17.42
N ARG A 126 -4.06 3.12 -17.03
CA ARG A 126 -5.17 3.55 -17.86
C ARG A 126 -5.59 4.99 -17.59
N LEU A 127 -4.80 5.74 -16.81
CA LEU A 127 -5.14 7.14 -16.58
C LEU A 127 -4.97 7.95 -17.86
N PRO A 128 -5.78 8.98 -18.06
CA PRO A 128 -5.69 9.76 -19.29
C PRO A 128 -4.53 10.73 -19.24
N PRO A 129 -4.10 11.26 -20.40
CA PRO A 129 -2.98 12.22 -20.39
C PRO A 129 -3.32 13.50 -19.65
N THR A 130 -4.56 13.95 -19.69
CA THR A 130 -4.99 15.19 -19.06
C THR A 130 -5.27 15.03 -17.57
N ALA A 131 -4.88 13.91 -16.97
CA ALA A 131 -5.26 13.61 -15.59
C ALA A 131 -4.70 14.66 -14.63
N ASP A 132 -3.39 14.91 -14.70
CA ASP A 132 -2.78 15.88 -13.79
C ASP A 132 -3.48 17.23 -13.87
N GLU A 133 -3.87 17.66 -15.07
CA GLU A 133 -4.45 18.99 -15.24
C GLU A 133 -5.90 19.03 -14.77
N ASP A 134 -6.74 18.17 -15.32
CA ASP A 134 -8.17 18.20 -14.99
C ASP A 134 -8.39 17.98 -13.50
N LEU A 135 -7.76 16.94 -12.94
CA LEU A 135 -8.02 16.60 -11.55
C LEU A 135 -7.53 17.70 -10.61
N GLY A 136 -6.48 18.42 -11.00
CA GLY A 136 -6.07 19.58 -10.23
C GLY A 136 -7.17 20.61 -10.12
N ALA A 137 -7.82 20.92 -11.24
CA ALA A 137 -8.89 21.91 -11.23
C ALA A 137 -10.14 21.40 -10.51
N TRP A 138 -10.55 20.17 -10.82
CA TRP A 138 -11.81 19.65 -10.28
C TRP A 138 -11.74 19.50 -8.76
N LEU A 139 -10.60 19.08 -8.24
CA LEU A 139 -10.46 18.93 -6.79
C LEU A 139 -10.26 20.26 -6.07
N GLN A 140 -10.01 21.35 -6.80
CA GLN A 140 -10.02 22.67 -6.17
C GLN A 140 -11.45 23.09 -5.82
N ALA A 141 -12.40 22.81 -6.71
CA ALA A 141 -13.80 23.01 -6.39
C ALA A 141 -14.17 22.26 -5.11
N VAL A 142 -13.78 21.00 -5.03
CA VAL A 142 -14.06 20.20 -3.84
C VAL A 142 -13.52 20.88 -2.59
N ALA A 143 -12.29 21.39 -2.67
CA ALA A 143 -11.65 21.97 -1.49
C ALA A 143 -12.42 23.18 -0.98
N ARG A 144 -12.79 24.10 -1.88
CA ARG A 144 -13.46 25.32 -1.45
C ARG A 144 -14.94 25.11 -1.15
N VAL A 145 -15.54 24.03 -1.67
CA VAL A 145 -16.89 23.69 -1.26
C VAL A 145 -16.90 23.14 0.17
N HIS A 146 -15.77 22.62 0.65
CA HIS A 146 -15.68 22.03 1.98
C HIS A 146 -14.75 22.77 2.92
N GLY A 147 -13.87 23.63 2.42
CA GLY A 147 -12.90 24.30 3.27
C GLY A 147 -11.93 23.35 3.92
N GLN B 3 -24.80 -10.37 -17.92
CA GLN B 3 -23.52 -9.74 -17.66
C GLN B 3 -23.63 -8.61 -16.65
N TRP B 4 -23.30 -8.91 -15.38
CA TRP B 4 -23.25 -7.84 -14.38
C TRP B 4 -22.14 -6.85 -14.68
N ALA B 5 -21.21 -7.20 -15.57
CA ALA B 5 -20.19 -6.25 -16.00
C ALA B 5 -20.84 -5.02 -16.62
N ARG B 6 -21.69 -5.24 -17.63
CA ARG B 6 -22.42 -4.13 -18.25
C ARG B 6 -23.28 -3.40 -17.23
N GLU B 7 -23.95 -4.15 -16.35
CA GLU B 7 -24.89 -3.53 -15.42
C GLU B 7 -24.17 -2.66 -14.40
N ILE B 8 -23.32 -3.26 -13.57
CA ILE B 8 -22.63 -2.52 -12.51
C ILE B 8 -21.93 -1.30 -13.09
N GLY B 9 -21.22 -1.49 -14.21
CA GLY B 9 -20.52 -0.37 -14.82
C GLY B 9 -21.45 0.76 -15.19
N ALA B 10 -22.63 0.43 -15.74
CA ALA B 10 -23.60 1.46 -16.09
C ALA B 10 -23.98 2.30 -14.87
N GLN B 11 -24.12 1.66 -13.71
CA GLN B 11 -24.46 2.39 -12.49
C GLN B 11 -23.27 3.14 -11.91
N LEU B 12 -22.05 2.65 -12.16
CA LEU B 12 -20.86 3.39 -11.73
C LEU B 12 -20.66 4.64 -12.59
N ARG B 13 -20.76 4.49 -13.91
CA ARG B 13 -20.70 5.65 -14.78
C ARG B 13 -21.80 6.65 -14.46
N ARG B 14 -22.96 6.16 -14.00
CA ARG B 14 -24.06 7.05 -13.65
C ARG B 14 -23.76 7.80 -12.35
N MET B 15 -23.32 7.07 -11.31
CA MET B 15 -22.99 7.74 -10.05
C MET B 15 -21.76 8.61 -10.19
N ALA B 16 -20.84 8.24 -11.09
CA ALA B 16 -19.65 9.05 -11.32
C ALA B 16 -19.99 10.35 -12.05
N ASP B 17 -20.88 10.26 -13.05
CA ASP B 17 -21.33 11.48 -13.72
C ASP B 17 -22.00 12.43 -12.75
N ASP B 18 -22.94 11.92 -11.96
CA ASP B 18 -23.60 12.75 -10.96
C ASP B 18 -22.58 13.41 -10.04
N LEU B 19 -21.63 12.62 -9.53
CA LEU B 19 -20.57 13.19 -8.69
C LEU B 19 -19.82 14.30 -9.41
N ASN B 20 -19.50 14.08 -10.70
CA ASN B 20 -18.75 15.09 -11.44
C ASN B 20 -19.52 16.40 -11.53
N ALA B 21 -20.84 16.33 -11.73
CA ALA B 21 -21.65 17.53 -11.89
C ALA B 21 -21.87 18.28 -10.58
N GLN B 22 -21.57 17.65 -9.44
CA GLN B 22 -21.71 18.36 -8.16
C GLN B 22 -20.62 19.39 -7.95
N TYR B 23 -19.51 19.31 -8.70
CA TYR B 23 -18.37 20.18 -8.50
C TYR B 23 -17.86 20.85 -9.77
N GLU B 24 -18.41 20.53 -10.94
CA GLU B 24 -17.95 21.16 -12.17
C GLU B 24 -18.18 22.66 -12.15
N ARG B 25 -19.17 23.13 -11.39
CA ARG B 25 -19.53 24.54 -11.35
C ARG B 25 -19.04 25.25 -10.09
N ARG B 26 -18.35 24.55 -9.20
CA ARG B 26 -17.97 25.14 -7.92
C ARG B 26 -16.46 25.18 -7.76
N ASP C 10 1.87 24.30 -9.08
CA ASP C 10 1.57 24.54 -10.49
C ASP C 10 0.72 23.41 -11.04
N ASP C 11 1.31 22.22 -11.16
CA ASP C 11 0.63 21.03 -11.64
C ASP C 11 0.97 19.87 -10.72
N ILE C 12 -0.06 19.11 -10.35
CA ILE C 12 0.09 18.02 -9.39
C ILE C 12 0.36 16.72 -10.11
N ASP C 13 1.09 15.83 -9.45
CA ASP C 13 1.27 14.46 -9.92
C ASP C 13 0.08 13.66 -9.42
N ALA C 14 -0.96 13.56 -10.24
CA ALA C 14 -2.17 12.86 -9.82
C ALA C 14 -1.88 11.42 -9.42
N SER C 15 -0.87 10.80 -10.05
CA SER C 15 -0.52 9.43 -9.68
C SER C 15 -0.05 9.35 -8.23
N ALA C 16 0.85 10.25 -7.84
CA ALA C 16 1.36 10.24 -6.46
C ALA C 16 0.22 10.46 -5.46
N VAL C 17 -0.71 11.36 -5.76
CA VAL C 17 -1.79 11.64 -4.84
C VAL C 17 -2.68 10.42 -4.67
N MET C 18 -3.03 9.77 -5.78
CA MET C 18 -3.81 8.53 -5.70
C MET C 18 -3.05 7.47 -4.91
N ALA C 19 -1.73 7.40 -5.11
CA ALA C 19 -0.91 6.45 -4.37
C ALA C 19 -1.01 6.68 -2.87
N ALA C 20 -0.67 7.89 -2.42
CA ALA C 20 -0.76 8.22 -1.00
C ALA C 20 -2.10 7.80 -0.43
N TYR C 21 -3.19 8.11 -1.15
CA TYR C 21 -4.52 7.79 -0.67
C TYR C 21 -4.72 6.28 -0.56
N LEU C 22 -4.43 5.55 -1.63
CA LEU C 22 -4.64 4.09 -1.61
C LEU C 22 -3.79 3.42 -0.54
N ALA C 23 -2.53 3.86 -0.40
CA ALA C 23 -1.65 3.25 0.60
C ALA C 23 -2.24 3.38 2.00
N ARG C 24 -2.69 4.58 2.36
CA ARG C 24 -3.25 4.78 3.70
C ARG C 24 -4.52 3.95 3.89
N GLU C 25 -5.43 4.00 2.91
CA GLU C 25 -6.68 3.25 3.04
C GLU C 25 -6.42 1.77 3.19
N TYR C 26 -5.42 1.25 2.48
CA TYR C 26 -5.12 -0.18 2.61
C TYR C 26 -4.51 -0.48 3.97
N ALA C 27 -3.61 0.38 4.44
CA ALA C 27 -3.05 0.18 5.78
C ALA C 27 -4.14 0.12 6.83
N GLU C 28 -5.01 1.14 6.88
CA GLU C 28 -6.07 1.15 7.88
C GLU C 28 -7.01 -0.04 7.74
N ALA C 29 -7.18 -0.55 6.52
CA ALA C 29 -8.03 -1.71 6.33
C ALA C 29 -7.42 -2.96 6.98
N VAL C 30 -6.16 -3.26 6.66
CA VAL C 30 -5.53 -4.44 7.23
C VAL C 30 -5.39 -4.30 8.74
N GLU C 31 -5.20 -3.08 9.24
CA GLU C 31 -5.02 -2.89 10.68
C GLU C 31 -6.34 -3.09 11.43
N GLU C 32 -7.45 -2.66 10.84
CA GLU C 32 -8.75 -2.86 11.48
C GLU C 32 -9.14 -4.34 11.53
N GLN C 33 -8.60 -5.16 10.62
CA GLN C 33 -8.92 -6.58 10.57
C GLN C 33 -7.85 -7.45 11.19
N LEU C 34 -6.89 -6.86 11.91
CA LEU C 34 -5.93 -7.65 12.66
C LEU C 34 -6.53 -8.12 13.97
N THR C 35 -6.02 -9.25 14.46
CA THR C 35 -6.44 -9.76 15.76
C THR C 35 -5.78 -8.95 16.86
N PRO C 36 -6.32 -9.01 18.08
CA PRO C 36 -5.69 -8.28 19.20
C PRO C 36 -4.19 -8.52 19.29
N ARG C 37 -3.75 -9.77 19.22
CA ARG C 37 -2.32 -10.05 19.32
C ARG C 37 -1.57 -9.76 18.03
N GLU C 38 -2.25 -9.83 16.89
CA GLU C 38 -1.64 -9.36 15.65
C GLU C 38 -1.32 -7.87 15.75
N ARG C 39 -2.23 -7.09 16.34
CA ARG C 39 -1.97 -5.67 16.56
C ARG C 39 -0.79 -5.47 17.51
N ASP C 40 -0.69 -6.30 18.54
CA ASP C 40 0.48 -6.25 19.42
C ASP C 40 1.74 -6.64 18.67
N ALA C 41 1.62 -7.51 17.67
CA ALA C 41 2.79 -7.88 16.87
C ALA C 41 3.20 -6.73 15.94
N LEU C 42 2.22 -6.04 15.36
CA LEU C 42 2.54 -4.93 14.46
C LEU C 42 3.31 -3.84 15.19
N GLU C 43 2.85 -3.46 16.38
CA GLU C 43 3.60 -2.51 17.19
C GLU C 43 4.98 -3.06 17.52
N ALA C 44 5.07 -4.36 17.80
CA ALA C 44 6.36 -5.00 18.07
C ALA C 44 7.27 -4.90 16.86
N LEU C 45 6.72 -5.09 15.65
CA LEU C 45 7.53 -4.97 14.45
C LEU C 45 7.93 -3.52 14.19
N ARG C 46 7.10 -2.57 14.62
CA ARG C 46 7.42 -1.16 14.40
C ARG C 46 8.63 -0.73 15.22
N VAL C 47 8.75 -1.26 16.45
CA VAL C 47 9.87 -0.89 17.31
C VAL C 47 11.15 -1.56 16.82
N SER C 48 11.10 -2.88 16.64
CA SER C 48 12.28 -3.61 16.17
C SER C 48 12.75 -3.07 14.81
N GLY C 49 11.80 -2.77 13.92
CA GLY C 49 12.18 -2.18 12.64
C GLY C 49 12.95 -0.88 12.81
N GLU C 50 12.49 -0.03 13.72
CA GLU C 50 13.21 1.22 13.99
C GLU C 50 14.55 0.96 14.66
N GLU C 51 14.64 -0.11 15.45
CA GLU C 51 15.90 -0.42 16.12
C GLU C 51 17.00 -0.75 15.11
N VAL C 52 16.63 -1.40 13.99
CA VAL C 52 17.60 -1.73 12.96
C VAL C 52 17.64 -0.71 11.83
N ARG C 53 16.65 0.17 11.74
CA ARG C 53 16.66 1.18 10.69
C ARG C 53 17.87 2.09 10.79
N SER C 54 18.44 2.23 12.00
CA SER C 54 19.60 3.12 12.16
C SER C 54 20.81 2.59 11.41
N PRO C 55 21.37 1.42 11.74
CA PRO C 55 22.52 0.92 10.97
C PRO C 55 22.15 0.45 9.58
N LEU C 56 20.89 0.07 9.35
CA LEU C 56 20.45 -0.25 7.99
C LEU C 56 20.60 0.95 7.08
N LEU C 57 20.23 2.14 7.58
CA LEU C 57 20.47 3.36 6.83
C LEU C 57 21.96 3.59 6.60
N GLN C 58 22.78 3.25 7.59
CA GLN C 58 24.22 3.51 7.48
C GLN C 58 24.84 2.74 6.34
N GLU C 59 24.44 1.48 6.15
CA GLU C 59 25.04 0.66 5.11
C GLU C 59 24.67 1.16 3.72
N LEU C 60 23.44 1.63 3.54
CA LEU C 60 23.00 2.07 2.23
C LEU C 60 23.59 3.43 1.85
N SER C 61 23.79 4.31 2.84
CA SER C 61 24.47 5.58 2.56
C SER C 61 25.87 5.34 2.03
N ASN C 62 26.56 4.32 2.54
CA ASN C 62 27.89 3.99 2.06
C ASN C 62 27.88 3.37 0.67
N ALA C 63 26.71 2.95 0.18
CA ALA C 63 26.63 2.45 -1.19
C ALA C 63 26.81 3.58 -2.19
N GLY C 64 26.10 4.70 -1.99
CA GLY C 64 26.15 5.80 -2.93
C GLY C 64 25.86 5.34 -4.34
N GLU C 65 24.75 4.64 -4.50
CA GLU C 65 24.40 3.95 -5.73
C GLU C 65 23.13 4.56 -6.33
N HIS C 66 22.97 4.36 -7.64
CA HIS C 66 21.79 4.81 -8.38
C HIS C 66 20.52 4.81 -7.53
N ASN C 72 17.23 1.45 -10.17
CA ASN C 72 16.79 0.07 -10.45
C ASN C 72 16.49 -0.68 -9.17
N SER C 73 15.62 -1.69 -9.27
CA SER C 73 15.17 -2.47 -8.13
C SER C 73 15.86 -3.82 -8.04
N HIS C 74 16.96 -4.03 -8.79
CA HIS C 74 17.61 -5.33 -8.80
C HIS C 74 18.35 -5.59 -7.48
N ILE C 75 19.23 -4.67 -7.08
CA ILE C 75 19.96 -4.84 -5.83
C ILE C 75 19.02 -5.10 -4.66
N PRO C 76 18.02 -4.25 -4.39
CA PRO C 76 17.13 -4.52 -3.25
C PRO C 76 16.53 -5.91 -3.26
N ALA C 77 16.06 -6.39 -4.42
CA ALA C 77 15.41 -7.70 -4.47
C ALA C 77 16.36 -8.81 -4.01
N ALA C 78 17.64 -8.72 -4.38
CA ALA C 78 18.60 -9.75 -4.00
C ALA C 78 18.88 -9.70 -2.51
N LEU C 79 19.10 -8.50 -1.95
CA LEU C 79 19.44 -8.40 -0.54
C LEU C 79 18.33 -8.98 0.33
N VAL C 80 17.07 -8.77 -0.05
CA VAL C 80 15.95 -9.31 0.72
C VAL C 80 15.97 -10.84 0.67
N SER C 81 15.95 -11.39 -0.54
CA SER C 81 15.97 -12.86 -0.68
C SER C 81 17.20 -13.46 -0.03
N ALA C 82 18.31 -12.71 -0.01
CA ALA C 82 19.51 -13.21 0.67
C ALA C 82 19.26 -13.38 2.17
N LEU C 83 18.58 -12.42 2.79
CA LEU C 83 18.29 -12.49 4.20
C LEU C 83 17.28 -13.59 4.56
N LEU C 84 16.62 -14.18 3.56
CA LEU C 84 15.56 -15.16 3.80
C LEU C 84 15.92 -16.55 3.31
N GLU C 85 17.14 -16.77 2.85
CA GLU C 85 17.53 -18.08 2.32
C GLU C 85 17.44 -19.13 3.41
N PRO C 87 17.54 -21.29 5.71
CA PRO C 87 17.52 -21.01 7.15
C PRO C 87 17.62 -19.52 7.46
N THR C 88 16.53 -18.93 7.94
CA THR C 88 16.49 -17.52 8.33
C THR C 88 15.92 -17.43 9.74
N SER C 89 16.02 -16.24 10.31
CA SER C 89 15.62 -15.99 11.68
C SER C 89 14.72 -14.76 11.75
N PRO C 90 14.01 -14.57 12.86
CA PRO C 90 13.18 -13.35 13.00
C PRO C 90 13.96 -12.07 12.77
N GLY C 91 15.17 -11.97 13.33
CA GLY C 91 15.98 -10.79 13.09
C GLY C 91 16.22 -10.53 11.62
N ARG C 92 16.55 -11.60 10.88
CA ARG C 92 16.75 -11.45 9.44
C ARG C 92 15.46 -11.02 8.75
N MET C 93 14.33 -11.61 9.16
CA MET C 93 13.05 -11.25 8.56
C MET C 93 12.69 -9.80 8.87
N VAL C 94 13.05 -9.29 10.05
CA VAL C 94 12.77 -7.90 10.37
C VAL C 94 13.65 -6.97 9.54
N THR C 95 14.95 -7.24 9.51
CA THR C 95 15.86 -6.42 8.69
C THR C 95 15.38 -6.36 7.25
N ALA C 96 14.96 -7.51 6.70
CA ALA C 96 14.44 -7.53 5.34
C ALA C 96 13.18 -6.68 5.22
N VAL C 97 12.31 -6.74 6.23
CA VAL C 97 11.09 -5.93 6.20
C VAL C 97 11.45 -4.45 6.19
N GLU C 98 12.33 -4.03 7.11
CA GLU C 98 12.67 -2.62 7.20
C GLU C 98 13.38 -2.13 5.95
N LEU C 99 14.09 -3.02 5.25
CA LEU C 99 14.75 -2.63 4.02
C LEU C 99 13.74 -2.22 2.96
N CYS C 100 12.67 -3.00 2.81
CA CYS C 100 11.62 -2.64 1.85
C CYS C 100 11.00 -1.30 2.21
N ALA C 101 10.79 -1.05 3.50
CA ALA C 101 10.22 0.24 3.91
C ALA C 101 11.11 1.39 3.49
N GLN C 102 12.44 1.20 3.56
CA GLN C 102 13.34 2.28 3.18
C GLN C 102 13.39 2.46 1.67
N MET C 103 13.37 1.37 0.91
CA MET C 103 13.23 1.50 -0.53
C MET C 103 11.94 2.23 -0.88
N GLY C 104 10.87 1.99 -0.13
CA GLY C 104 9.63 2.70 -0.37
C GLY C 104 9.75 4.19 -0.10
N ARG C 105 10.44 4.55 0.99
CA ARG C 105 10.66 5.96 1.28
C ARG C 105 11.47 6.66 0.20
N LEU C 106 12.22 5.91 -0.61
CA LEU C 106 12.94 6.47 -1.74
C LEU C 106 12.10 6.46 -3.01
N TRP C 107 11.16 5.53 -3.13
CA TRP C 107 10.42 5.32 -4.37
C TRP C 107 9.02 5.92 -4.27
N THR C 108 8.97 7.26 -4.32
CA THR C 108 7.73 7.97 -4.06
C THR C 108 6.86 8.15 -5.30
N ARG C 109 7.47 8.35 -6.47
CA ARG C 109 6.71 8.84 -7.62
C ARG C 109 6.89 7.96 -8.84
N GLY C 110 5.88 7.99 -9.70
CA GLY C 110 5.99 7.38 -11.02
C GLY C 110 6.06 5.86 -10.97
N ARG C 111 6.84 5.30 -11.89
CA ARG C 111 7.04 3.85 -11.93
C ARG C 111 7.85 3.33 -10.76
N GLN C 112 8.34 4.21 -9.88
CA GLN C 112 9.00 3.77 -8.66
C GLN C 112 8.00 3.12 -7.70
N LEU C 113 6.72 3.47 -7.82
CA LEU C 113 5.69 2.85 -6.98
C LEU C 113 5.52 1.39 -7.34
N VAL C 114 5.43 1.09 -8.64
CA VAL C 114 5.35 -0.30 -9.08
C VAL C 114 6.57 -1.07 -8.61
N ASP C 115 7.74 -0.43 -8.61
CA ASP C 115 8.95 -1.07 -8.09
C ASP C 115 8.78 -1.47 -6.63
N PHE C 116 8.13 -0.60 -5.83
CA PHE C 116 7.96 -0.90 -4.42
C PHE C 116 7.07 -2.12 -4.21
N MET C 117 6.04 -2.29 -5.06
CA MET C 117 5.14 -3.42 -4.90
C MET C 117 5.84 -4.73 -5.20
N ARG C 118 6.67 -4.75 -6.26
CA ARG C 118 7.37 -5.99 -6.61
C ARG C 118 8.34 -6.41 -5.53
N LEU C 119 9.10 -5.44 -4.98
CA LEU C 119 9.99 -5.75 -3.87
C LEU C 119 9.23 -6.36 -2.70
N VAL C 120 8.08 -5.78 -2.36
CA VAL C 120 7.24 -6.34 -1.31
C VAL C 120 6.84 -7.76 -1.67
N TYR C 121 6.40 -7.97 -2.92
CA TYR C 121 6.00 -9.30 -3.35
C TYR C 121 7.13 -10.31 -3.13
N VAL C 122 8.36 -9.93 -3.50
CA VAL C 122 9.51 -10.80 -3.26
C VAL C 122 9.63 -11.12 -1.78
N LEU C 123 9.55 -10.10 -0.93
CA LEU C 123 9.64 -10.30 0.52
C LEU C 123 8.63 -11.33 0.98
N LEU C 124 7.34 -11.04 0.78
CA LEU C 124 6.29 -11.92 1.29
C LEU C 124 6.30 -13.28 0.62
N ASP C 125 6.86 -13.38 -0.60
CA ASP C 125 6.84 -14.65 -1.30
C ASP C 125 7.85 -15.63 -0.71
N ARG C 126 9.01 -15.14 -0.28
CA ARG C 126 10.11 -16.01 0.13
C ARG C 126 10.21 -16.16 1.64
N LEU C 127 9.14 -15.86 2.37
CA LEU C 127 9.17 -16.07 3.81
C LEU C 127 9.06 -17.56 4.13
N PRO C 128 9.79 -18.06 5.12
CA PRO C 128 9.75 -19.49 5.43
C PRO C 128 8.38 -19.89 5.95
N PRO C 129 8.05 -21.17 5.92
CA PRO C 129 6.69 -21.59 6.31
C PRO C 129 6.44 -21.46 7.81
N THR C 130 7.48 -21.44 8.63
CA THR C 130 7.35 -21.29 10.08
C THR C 130 7.42 -19.84 10.53
N ALA C 131 7.33 -18.88 9.61
CA ALA C 131 7.46 -17.48 9.99
C ALA C 131 6.35 -17.05 10.93
N ASP C 132 5.17 -17.63 10.82
CA ASP C 132 4.02 -17.17 11.61
C ASP C 132 4.26 -17.43 13.11
N GLU C 133 4.85 -18.56 13.46
CA GLU C 133 5.15 -18.85 14.86
C GLU C 133 6.56 -18.43 15.26
N ASP C 134 7.49 -18.30 14.31
CA ASP C 134 8.79 -17.74 14.61
C ASP C 134 8.68 -16.27 15.02
N LEU C 135 7.92 -15.49 14.25
CA LEU C 135 7.72 -14.09 14.58
C LEU C 135 6.74 -13.90 15.73
N GLY C 136 5.76 -14.81 15.87
CA GLY C 136 4.86 -14.72 16.99
C GLY C 136 5.58 -14.72 18.33
N ALA C 137 6.49 -15.69 18.51
CA ALA C 137 7.22 -15.78 19.78
C ALA C 137 8.25 -14.66 19.90
N TRP C 138 8.99 -14.38 18.83
CA TRP C 138 10.05 -13.38 18.90
C TRP C 138 9.49 -11.99 19.13
N LEU C 139 8.40 -11.64 18.44
CA LEU C 139 7.83 -10.30 18.57
C LEU C 139 7.04 -10.13 19.86
N GLN C 140 6.61 -11.22 20.50
CA GLN C 140 6.05 -11.12 21.83
C GLN C 140 7.15 -10.86 22.86
N ALA C 141 8.37 -11.31 22.58
CA ALA C 141 9.49 -11.00 23.46
C ALA C 141 9.86 -9.51 23.37
N VAL C 142 9.73 -8.92 22.18
CA VAL C 142 10.02 -7.50 22.03
C VAL C 142 8.99 -6.67 22.78
N ALA C 143 7.73 -7.10 22.79
CA ALA C 143 6.67 -6.30 23.38
C ALA C 143 6.77 -6.29 24.90
N ARG C 144 7.09 -7.44 25.50
CA ARG C 144 7.21 -7.51 26.95
C ARG C 144 8.26 -6.54 27.47
N VAL C 145 9.38 -6.40 26.74
CA VAL C 145 10.47 -5.53 27.17
C VAL C 145 10.24 -4.07 26.86
N HIS C 146 9.27 -3.74 26.01
CA HIS C 146 8.94 -2.35 25.69
C HIS C 146 7.54 -1.96 26.18
N GLY C 147 6.90 -2.79 27.00
CA GLY C 147 5.56 -2.51 27.46
C GLY C 147 4.49 -2.96 26.48
N TRP D 4 30.76 -5.87 -3.73
CA TRP D 4 30.30 -4.78 -2.87
C TRP D 4 28.89 -5.03 -2.37
N ALA D 5 28.09 -5.72 -3.20
CA ALA D 5 26.72 -6.02 -2.80
C ALA D 5 26.69 -6.95 -1.60
N ARG D 6 27.57 -7.95 -1.57
CA ARG D 6 27.64 -8.86 -0.44
C ARG D 6 28.47 -8.30 0.72
N GLU D 7 29.28 -7.27 0.47
CA GLU D 7 29.82 -6.48 1.58
C GLU D 7 28.69 -5.90 2.40
N ILE D 8 27.74 -5.23 1.73
CA ILE D 8 26.50 -4.83 2.39
C ILE D 8 25.71 -6.06 2.79
N GLY D 9 25.60 -7.04 1.89
CA GLY D 9 24.89 -8.26 2.21
C GLY D 9 25.37 -8.91 3.49
N ALA D 10 26.69 -8.94 3.69
CA ALA D 10 27.23 -9.50 4.92
C ALA D 10 26.90 -8.63 6.12
N GLN D 11 26.92 -7.30 5.93
CA GLN D 11 26.62 -6.40 7.04
C GLN D 11 25.16 -6.48 7.44
N LEU D 12 24.25 -6.63 6.47
CA LEU D 12 22.84 -6.75 6.80
C LEU D 12 22.58 -7.99 7.66
N ARG D 13 23.24 -9.10 7.33
CA ARG D 13 23.13 -10.29 8.17
C ARG D 13 23.73 -10.04 9.55
N ARG D 14 24.76 -9.18 9.63
CA ARG D 14 25.33 -8.84 10.93
C ARG D 14 24.32 -8.11 11.80
N MET D 15 23.69 -7.07 11.26
CA MET D 15 22.64 -6.36 12.00
C MET D 15 21.58 -7.33 12.50
N ALA D 16 21.04 -8.13 11.58
CA ALA D 16 19.90 -8.97 11.91
C ALA D 16 20.19 -9.90 13.06
N ASP D 17 21.39 -10.49 13.08
CA ASP D 17 21.72 -11.45 14.14
C ASP D 17 21.94 -10.73 15.46
N ASP D 18 22.53 -9.53 15.44
CA ASP D 18 22.52 -8.69 16.63
C ASP D 18 21.10 -8.45 17.10
N LEU D 19 20.22 -8.04 16.17
CA LEU D 19 18.82 -7.83 16.49
C LEU D 19 18.19 -9.12 17.01
N ASN D 20 18.43 -10.23 16.32
CA ASN D 20 17.84 -11.50 16.73
C ASN D 20 18.32 -11.92 18.11
N ALA D 21 19.56 -11.57 18.47
CA ALA D 21 20.13 -12.04 19.72
C ALA D 21 19.47 -11.41 20.94
N GLN D 22 19.00 -10.16 20.81
CA GLN D 22 18.52 -9.44 21.99
C GLN D 22 17.21 -9.98 22.52
N TYR D 23 16.33 -10.47 21.63
CA TYR D 23 14.97 -10.81 22.02
C TYR D 23 14.70 -12.32 22.01
N GLU D 24 15.66 -13.15 21.61
CA GLU D 24 15.53 -14.57 21.82
C GLU D 24 15.84 -14.96 23.25
N ARG D 25 16.73 -14.20 23.92
CA ARG D 25 16.96 -14.40 25.35
C ARG D 25 15.70 -14.13 26.15
N ARG D 26 14.94 -13.10 25.77
CA ARG D 26 13.70 -12.76 26.46
C ARG D 26 12.52 -13.52 25.84
#